data_4U0F
#
_entry.id   4U0F
#
_cell.length_a   90.880
_cell.length_b   90.880
_cell.length_c   56.580
_cell.angle_alpha   90.000
_cell.angle_beta   90.000
_cell.angle_gamma   120.000
#
_symmetry.space_group_name_H-M   'P 6'
#
loop_
_entity.id
_entity.type
_entity.pdbx_description
1 polymer 'Capsid protein p24'
2 non-polymer 1,2-ETHANEDIOL
3 non-polymer (4S)-4-(4-hydroxyphenyl)-3-phenyl-4,5-dihydropyrrolo[3,4-c]pyrazol-6(1H)-one
4 water water
#
_entity_poly.entity_id   1
_entity_poly.type   'polypeptide(L)'
_entity_poly.pdbx_seq_one_letter_code
;PIVQNLQGQMVHQCISPRTLNAWVKVVEEKAFSPEVIPMFSALSCGATPQDLNTMLNTVGGHQAAMQMLKETINEEAAEW
DRLHPVHAGPIAPGQMREPRGSDIAGTTSTLQEQIGWMTHNPPIPVGEIYKRWIILGLNKIVRMYSPTSILDIRQGPKEP
FRDYVDRFYKTLRAEQASQEVKNAATETLLVQNANPDCKTILKALGPGATLEEMMTACQGVGGPGHKARVL
;
_entity_poly.pdbx_strand_id   A
#
# COMPACT_ATOMS: atom_id res chain seq x y z
N PRO A 1 -6.89 2.99 -17.56
CA PRO A 1 -5.80 2.02 -17.57
C PRO A 1 -5.35 1.67 -18.99
N ILE A 2 -4.27 0.88 -19.08
CA ILE A 2 -3.92 0.22 -20.34
C ILE A 2 -4.26 -1.28 -20.19
N VAL A 3 -5.00 -1.82 -21.15
CA VAL A 3 -5.33 -3.26 -21.17
C VAL A 3 -5.33 -3.81 -22.60
N GLN A 4 -5.45 -5.12 -22.74
CA GLN A 4 -5.50 -5.79 -24.07
C GLN A 4 -6.89 -5.74 -24.70
N ASN A 5 -6.93 -5.60 -26.03
CA ASN A 5 -8.21 -5.52 -26.77
C ASN A 5 -8.43 -6.72 -27.69
N GLN A 9 -3.68 -6.26 -28.61
CA GLN A 9 -2.97 -4.98 -28.58
C GLN A 9 -3.23 -4.24 -27.27
N MET A 10 -2.22 -3.52 -26.79
CA MET A 10 -2.35 -2.70 -25.58
C MET A 10 -2.93 -1.34 -25.96
N VAL A 11 -4.07 -1.01 -25.35
CA VAL A 11 -4.75 0.25 -25.62
C VAL A 11 -5.25 0.88 -24.33
N HIS A 12 -5.43 2.20 -24.37
CA HIS A 12 -5.92 2.93 -23.23
C HIS A 12 -7.42 2.77 -23.08
N GLN A 13 -7.86 2.52 -21.85
CA GLN A 13 -9.27 2.50 -21.50
C GLN A 13 -9.52 3.49 -20.39
N CYS A 14 -10.71 4.08 -20.37
CA CYS A 14 -11.09 5.03 -19.33
C CYS A 14 -11.13 4.33 -17.99
N ILE A 15 -10.73 5.04 -16.94
CA ILE A 15 -10.96 4.56 -15.58
C ILE A 15 -12.47 4.58 -15.36
N SER A 16 -13.01 3.52 -14.75
CA SER A 16 -14.47 3.32 -14.67
C SER A 16 -15.10 4.00 -13.46
N PRO A 17 -16.39 4.35 -13.56
CA PRO A 17 -17.13 4.83 -12.39
C PRO A 17 -17.08 3.86 -11.20
N ARG A 18 -17.17 2.57 -11.46
CA ARG A 18 -17.05 1.57 -10.41
C ARG A 18 -15.72 1.66 -9.68
N THR A 19 -14.64 1.72 -10.45
CA THR A 19 -13.28 1.84 -9.88
C THR A 19 -13.10 3.14 -9.11
N LEU A 20 -13.48 4.27 -9.72
CA LEU A 20 -13.44 5.57 -9.05
C LEU A 20 -14.18 5.54 -7.72
N ASN A 21 -15.40 5.00 -7.76
CA ASN A 21 -16.24 4.93 -6.57
C ASN A 21 -15.64 4.02 -5.51
N ALA A 22 -15.21 2.83 -5.93
CA ALA A 22 -14.63 1.84 -5.01
C ALA A 22 -13.52 2.46 -4.16
N TRP A 23 -12.55 3.09 -4.82
CA TRP A 23 -11.42 3.69 -4.13
C TRP A 23 -11.85 4.75 -3.11
N VAL A 24 -12.68 5.69 -3.55
CA VAL A 24 -13.18 6.77 -2.68
C VAL A 24 -13.89 6.20 -1.45
N LYS A 25 -14.70 5.17 -1.64
CA LYS A 25 -15.45 4.58 -0.52
C LYS A 25 -14.57 3.83 0.47
N VAL A 26 -13.57 3.10 -0.03
CA VAL A 26 -12.65 2.35 0.84
CA VAL A 26 -12.69 2.36 0.88
C VAL A 26 -11.85 3.31 1.73
N VAL A 27 -11.45 4.44 1.15
CA VAL A 27 -10.74 5.46 1.93
C VAL A 27 -11.68 6.04 2.99
N GLU A 28 -12.92 6.36 2.61
CA GLU A 28 -13.90 6.92 3.55
C GLU A 28 -14.23 5.97 4.70
N GLU A 29 -14.31 4.68 4.39
CA GLU A 29 -14.68 3.69 5.39
C GLU A 29 -13.50 3.21 6.23
N LYS A 30 -12.34 3.03 5.61
CA LYS A 30 -11.19 2.40 6.26
C LYS A 30 -10.02 3.33 6.55
N ALA A 31 -10.04 4.55 6.02
CA ALA A 31 -8.96 5.52 6.20
C ALA A 31 -7.62 4.88 5.80
N PHE A 32 -6.62 4.86 6.70
CA PHE A 32 -5.34 4.22 6.39
C PHE A 32 -5.12 2.96 7.19
N SER A 33 -6.18 2.17 7.31
CA SER A 33 -6.07 0.83 7.81
C SER A 33 -5.16 0.07 6.81
N PRO A 34 -4.32 -0.85 7.32
CA PRO A 34 -3.36 -1.54 6.46
C PRO A 34 -3.93 -2.14 5.16
N GLU A 35 -5.12 -2.75 5.25
CA GLU A 35 -5.72 -3.44 4.09
C GLU A 35 -6.16 -2.52 2.95
N VAL A 36 -6.11 -1.21 3.14
CA VAL A 36 -6.42 -0.25 2.07
C VAL A 36 -5.31 -0.21 1.00
N ILE A 37 -4.10 -0.63 1.36
CA ILE A 37 -2.98 -0.66 0.40
C ILE A 37 -3.17 -1.70 -0.70
N PRO A 38 -3.44 -2.98 -0.33
CA PRO A 38 -3.69 -3.96 -1.39
C PRO A 38 -4.93 -3.67 -2.23
N MET A 39 -5.93 -3.01 -1.63
CA MET A 39 -7.12 -2.60 -2.36
C MET A 39 -6.77 -1.51 -3.38
N PHE A 40 -6.02 -0.50 -2.96
CA PHE A 40 -5.53 0.53 -3.87
C PHE A 40 -4.79 -0.08 -5.06
N SER A 41 -3.89 -1.01 -4.76
CA SER A 41 -3.06 -1.65 -5.77
C SER A 41 -3.89 -2.44 -6.79
N ALA A 42 -4.91 -3.13 -6.29
CA ALA A 42 -5.81 -3.91 -7.14
C ALA A 42 -6.68 -3.00 -8.02
N LEU A 43 -7.25 -1.96 -7.42
CA LEU A 43 -8.07 -1.01 -8.16
C LEU A 43 -7.27 -0.20 -9.19
N SER A 44 -5.97 -0.05 -8.96
CA SER A 44 -5.08 0.64 -9.91
C SER A 44 -4.31 -0.31 -10.84
N CYS A 45 -4.87 -1.50 -11.08
CA CYS A 45 -4.28 -2.48 -11.98
C CYS A 45 -4.28 -1.93 -13.42
N GLY A 46 -3.10 -1.95 -14.04
CA GLY A 46 -2.91 -1.43 -15.40
C GLY A 46 -2.99 0.09 -15.50
N ALA A 47 -2.85 0.77 -14.36
CA ALA A 47 -3.09 2.21 -14.29
C ALA A 47 -1.93 3.01 -14.86
N THR A 48 -2.26 4.08 -15.58
CA THR A 48 -1.28 5.07 -16.00
C THR A 48 -1.02 6.02 -14.83
N PRO A 49 0.06 6.81 -14.91
CA PRO A 49 0.27 7.84 -13.89
C PRO A 49 -0.90 8.81 -13.74
N GLN A 50 -1.54 9.17 -14.85
CA GLN A 50 -2.75 10.00 -14.82
C GLN A 50 -3.86 9.35 -13.99
N ASP A 51 -4.02 8.04 -14.15
CA ASP A 51 -5.00 7.27 -13.37
C ASP A 51 -4.64 7.25 -11.88
N LEU A 52 -3.37 7.04 -11.58
CA LEU A 52 -2.92 7.01 -10.18
C LEU A 52 -3.14 8.36 -9.51
N ASN A 53 -2.80 9.44 -10.22
CA ASN A 53 -3.10 10.81 -9.76
C ASN A 53 -4.59 11.08 -9.62
N THR A 54 -5.38 10.57 -10.57
CA THR A 54 -6.83 10.72 -10.51
C THR A 54 -7.39 10.08 -9.25
N MET A 55 -6.98 8.85 -8.96
CA MET A 55 -7.47 8.15 -7.76
C MET A 55 -7.08 8.89 -6.48
N LEU A 56 -5.84 9.34 -6.41
CA LEU A 56 -5.37 10.10 -5.25
C LEU A 56 -6.09 11.43 -5.11
N ASN A 57 -6.32 12.11 -6.23
CA ASN A 57 -7.01 13.40 -6.23
C ASN A 57 -8.47 13.36 -5.78
N THR A 58 -9.15 12.25 -6.06
CA THR A 58 -10.57 12.12 -5.72
C THR A 58 -10.82 11.97 -4.23
N VAL A 59 -9.76 11.73 -3.46
CA VAL A 59 -9.86 11.64 -2.01
C VAL A 59 -10.08 13.02 -1.41
N GLY A 60 -11.11 13.15 -0.58
CA GLY A 60 -11.54 14.44 -0.03
C GLY A 60 -10.81 14.86 1.23
N GLY A 61 -10.73 13.95 2.19
CA GLY A 61 -10.06 14.24 3.46
C GLY A 61 -8.58 13.87 3.41
N HIS A 62 -8.00 13.76 4.59
CA HIS A 62 -6.68 13.17 4.77
C HIS A 62 -5.58 13.91 4.01
N GLN A 63 -5.70 15.24 3.94
CA GLN A 63 -4.76 16.05 3.17
C GLN A 63 -3.39 16.20 3.84
N ALA A 64 -3.32 15.99 5.16
CA ALA A 64 -2.03 15.86 5.82
C ALA A 64 -1.31 14.66 5.24
N ALA A 65 -2.01 13.53 5.15
CA ALA A 65 -1.46 12.30 4.58
C ALA A 65 -1.10 12.46 3.11
N MET A 66 -1.97 13.11 2.33
CA MET A 66 -1.71 13.30 0.90
C MET A 66 -0.50 14.19 0.68
N GLN A 67 -0.30 15.13 1.60
CA GLN A 67 0.89 15.97 1.56
C GLN A 67 2.17 15.15 1.87
N MET A 68 2.09 14.27 2.87
CA MET A 68 3.23 13.39 3.19
C MET A 68 3.55 12.49 2.00
N LEU A 69 2.50 12.06 1.29
CA LEU A 69 2.65 11.22 0.12
C LEU A 69 3.41 11.94 -0.99
N LYS A 70 3.09 13.22 -1.22
CA LYS A 70 3.82 14.05 -2.18
C LYS A 70 5.31 14.15 -1.84
N GLU A 71 5.61 14.34 -0.56
CA GLU A 71 7.00 14.36 -0.09
C GLU A 71 7.75 13.06 -0.39
N THR A 72 7.14 11.91 -0.10
CA THR A 72 7.76 10.63 -0.42
C THR A 72 7.98 10.51 -1.92
N ILE A 73 6.96 10.90 -2.69
CA ILE A 73 7.03 10.86 -4.15
C ILE A 73 8.16 11.75 -4.69
N ASN A 74 8.27 12.96 -4.15
CA ASN A 74 9.35 13.85 -4.53
C ASN A 74 10.71 13.20 -4.29
N GLU A 75 10.90 12.66 -3.08
CA GLU A 75 12.14 11.94 -2.74
C GLU A 75 12.49 10.86 -3.77
N GLU A 76 11.50 10.04 -4.13
CA GLU A 76 11.71 8.96 -5.09
C GLU A 76 11.98 9.51 -6.51
N ALA A 77 11.36 10.64 -6.85
CA ALA A 77 11.59 11.29 -8.14
C ALA A 77 13.03 11.79 -8.28
N ALA A 78 13.56 12.38 -7.22
CA ALA A 78 14.94 12.86 -7.19
C ALA A 78 15.94 11.70 -7.30
N GLU A 79 15.60 10.55 -6.72
CA GLU A 79 16.42 9.34 -6.87
C GLU A 79 16.35 8.75 -8.29
N TRP A 80 15.18 8.84 -8.93
CA TRP A 80 15.05 8.44 -10.33
C TRP A 80 15.93 9.30 -11.24
N ASP A 81 15.96 10.60 -10.97
CA ASP A 81 16.76 11.53 -11.75
C ASP A 81 18.26 11.40 -11.47
N ARG A 82 18.58 10.98 -10.24
CA ARG A 82 19.97 10.66 -9.90
C ARG A 82 20.45 9.44 -10.67
N LEU A 83 19.61 8.39 -10.70
CA LEU A 83 19.94 7.15 -11.42
C LEU A 83 19.86 7.28 -12.93
N HIS A 84 18.87 8.02 -13.44
CA HIS A 84 18.63 8.13 -14.88
C HIS A 84 18.45 9.58 -15.31
N PRO A 85 19.56 10.31 -15.54
CA PRO A 85 19.47 11.69 -16.03
C PRO A 85 18.90 11.80 -17.45
N VAL A 86 17.82 12.57 -17.61
CA VAL A 86 17.21 12.78 -18.92
C VAL A 86 18.08 13.68 -19.80
N HIS A 87 18.36 13.22 -21.02
CA HIS A 87 19.20 13.98 -21.95
C HIS A 87 18.34 14.83 -22.88
N ILE A 91 15.32 17.54 -28.59
CA ILE A 91 14.89 16.19 -28.91
C ILE A 91 14.68 15.96 -30.41
N ALA A 92 14.93 14.73 -30.85
CA ALA A 92 14.71 14.32 -32.25
C ALA A 92 13.20 14.29 -32.60
N PRO A 93 12.81 14.87 -33.75
CA PRO A 93 11.42 14.88 -34.24
C PRO A 93 10.72 13.52 -34.25
N GLY A 94 9.54 13.45 -33.63
CA GLY A 94 8.69 12.27 -33.66
C GLY A 94 9.27 11.07 -32.95
N GLN A 95 10.25 11.31 -32.07
CA GLN A 95 10.89 10.27 -31.30
C GLN A 95 10.47 10.34 -29.83
N MET A 96 10.52 9.18 -29.16
CA MET A 96 10.15 9.06 -27.76
C MET A 96 11.23 9.68 -26.89
N ARG A 97 10.84 10.53 -25.94
CA ARG A 97 11.78 11.14 -25.00
C ARG A 97 11.91 10.30 -23.73
N GLU A 98 12.95 10.58 -22.95
CA GLU A 98 13.23 9.83 -21.72
C GLU A 98 12.43 10.42 -20.56
N PRO A 99 11.76 9.55 -19.77
CA PRO A 99 10.95 10.05 -18.66
C PRO A 99 11.79 10.43 -17.45
N ARG A 100 11.62 11.64 -16.94
CA ARG A 100 12.27 12.06 -15.70
C ARG A 100 11.34 11.75 -14.53
N GLY A 101 11.72 12.18 -13.33
CA GLY A 101 10.97 11.86 -12.12
C GLY A 101 9.54 12.36 -12.19
N SER A 102 9.42 13.66 -12.47
CA SER A 102 8.12 14.33 -12.58
C SER A 102 7.25 13.78 -13.71
N ASP A 103 7.88 13.21 -14.75
CA ASP A 103 7.14 12.56 -15.83
C ASP A 103 6.46 11.27 -15.37
N ILE A 104 7.18 10.50 -14.56
CA ILE A 104 6.62 9.25 -13.99
C ILE A 104 5.48 9.52 -13.02
N ALA A 105 5.59 10.62 -12.27
CA ALA A 105 4.56 11.04 -11.33
C ALA A 105 3.39 11.75 -12.02
N GLY A 106 3.43 11.83 -13.35
CA GLY A 106 2.32 12.37 -14.13
C GLY A 106 2.22 13.88 -14.11
N THR A 107 3.26 14.55 -13.61
CA THR A 107 3.22 16.01 -13.42
C THR A 107 3.58 16.76 -14.70
N THR A 108 4.60 16.26 -15.39
CA THR A 108 5.15 16.94 -16.57
C THR A 108 5.03 16.07 -17.82
N SER A 109 4.24 15.00 -17.73
CA SER A 109 4.02 14.07 -18.84
C SER A 109 2.56 14.12 -19.25
N THR A 110 2.31 14.01 -20.55
CA THR A 110 0.94 13.92 -21.07
C THR A 110 0.47 12.47 -21.01
N LEU A 111 -0.81 12.26 -21.28
CA LEU A 111 -1.35 10.90 -21.34
C LEU A 111 -0.75 10.12 -22.52
N GLN A 112 -0.56 10.80 -23.65
CA GLN A 112 -0.01 10.17 -24.86
C GLN A 112 1.42 9.70 -24.62
N GLU A 113 2.23 10.56 -24.03
CA GLU A 113 3.60 10.19 -23.65
C GLU A 113 3.60 9.01 -22.68
N GLN A 114 2.68 9.02 -21.73
CA GLN A 114 2.54 7.91 -20.80
C GLN A 114 2.13 6.63 -21.52
N ILE A 115 1.13 6.73 -22.39
CA ILE A 115 0.71 5.60 -23.24
C ILE A 115 1.90 5.11 -24.07
N GLY A 116 2.68 6.04 -24.62
CA GLY A 116 3.86 5.72 -25.43
C GLY A 116 4.92 4.94 -24.68
N TRP A 117 5.27 5.35 -23.46
CA TRP A 117 6.28 4.63 -22.68
C TRP A 117 5.82 3.23 -22.31
N MET A 118 4.57 3.11 -21.87
CA MET A 118 4.05 1.87 -21.32
C MET A 118 3.90 0.75 -22.35
N THR A 119 3.51 1.11 -23.58
CA THR A 119 3.28 0.13 -24.63
C THR A 119 4.46 -0.03 -25.58
N HIS A 120 5.51 0.77 -25.36
CA HIS A 120 6.75 0.68 -26.14
C HIS A 120 7.35 -0.70 -26.02
N ASN A 121 8.16 -1.07 -27.00
CA ASN A 121 8.92 -2.31 -26.97
C ASN A 121 10.42 -2.02 -27.11
N PRO A 122 11.21 -2.22 -26.03
CA PRO A 122 10.82 -2.69 -24.70
C PRO A 122 9.98 -1.66 -23.92
N PRO A 123 9.05 -2.13 -23.06
CA PRO A 123 8.21 -1.20 -22.32
C PRO A 123 8.92 -0.55 -21.14
N ILE A 124 8.64 0.74 -20.92
CA ILE A 124 9.05 1.44 -19.71
C ILE A 124 7.81 1.57 -18.83
N PRO A 125 7.66 0.68 -17.83
CA PRO A 125 6.41 0.65 -17.06
C PRO A 125 6.29 1.80 -16.07
N VAL A 126 5.96 3.00 -16.55
CA VAL A 126 5.87 4.19 -15.69
C VAL A 126 4.69 4.13 -14.70
N GLY A 127 3.67 3.34 -15.04
CA GLY A 127 2.56 3.10 -14.15
C GLY A 127 2.97 2.32 -12.92
N GLU A 128 3.75 1.27 -13.12
CA GLU A 128 4.21 0.42 -12.02
C GLU A 128 5.30 1.07 -11.19
N ILE A 129 6.20 1.81 -11.84
CA ILE A 129 7.25 2.53 -11.13
C ILE A 129 6.64 3.59 -10.22
N TYR A 130 5.67 4.33 -10.72
CA TYR A 130 4.97 5.33 -9.93
C TYR A 130 4.15 4.69 -8.81
N LYS A 131 3.41 3.62 -9.11
CA LYS A 131 2.61 2.91 -8.10
C LYS A 131 3.49 2.43 -6.94
N ARG A 132 4.72 2.02 -7.26
CA ARG A 132 5.69 1.64 -6.24
C ARG A 132 6.03 2.81 -5.33
N TRP A 133 6.28 3.99 -5.92
CA TRP A 133 6.54 5.18 -5.11
C TRP A 133 5.36 5.54 -4.21
N ILE A 134 4.15 5.38 -4.74
CA ILE A 134 2.94 5.72 -4.01
C ILE A 134 2.74 4.77 -2.84
N ILE A 135 2.84 3.47 -3.11
CA ILE A 135 2.66 2.44 -2.07
C ILE A 135 3.73 2.55 -0.98
N LEU A 136 4.95 2.89 -1.39
CA LEU A 136 6.03 3.15 -0.44
C LEU A 136 5.63 4.29 0.50
N GLY A 137 5.05 5.35 -0.07
CA GLY A 137 4.56 6.48 0.72
C GLY A 137 3.36 6.10 1.58
N LEU A 138 2.47 5.30 1.02
CA LEU A 138 1.27 4.87 1.74
C LEU A 138 1.57 3.96 2.96
N ASN A 139 2.56 3.09 2.82
CA ASN A 139 3.00 2.26 3.94
C ASN A 139 3.59 3.08 5.10
N LYS A 140 4.30 4.15 4.76
CA LYS A 140 4.82 5.09 5.78
C LYS A 140 3.70 5.74 6.58
N ILE A 141 2.57 6.02 5.92
CA ILE A 141 1.40 6.62 6.56
C ILE A 141 0.65 5.59 7.42
N VAL A 142 0.42 4.40 6.85
CA VAL A 142 -0.20 3.29 7.59
C VAL A 142 0.48 3.13 8.95
N ARG A 143 1.81 3.12 8.93
CA ARG A 143 2.60 2.92 10.15
C ARG A 143 2.43 4.07 11.12
N MET A 144 2.41 5.29 10.60
CA MET A 144 2.26 6.49 11.43
C MET A 144 0.90 6.55 12.12
N TYR A 145 -0.15 6.21 11.37
CA TYR A 145 -1.53 6.32 11.87
C TYR A 145 -1.96 5.11 12.71
N SER A 146 -1.11 4.09 12.79
CA SER A 146 -1.31 2.97 13.71
C SER A 146 -1.41 3.47 15.15
N PRO A 147 -2.60 3.34 15.78
CA PRO A 147 -2.76 3.95 17.11
C PRO A 147 -2.02 3.24 18.26
N THR A 148 -1.86 1.93 18.16
CA THR A 148 -1.34 1.13 19.27
C THR A 148 0.03 0.50 18.96
N SER A 149 0.92 0.55 19.94
CA SER A 149 2.19 -0.19 19.87
C SER A 149 1.91 -1.66 20.17
N ILE A 150 2.75 -2.54 19.62
CA ILE A 150 2.61 -3.98 19.88
C ILE A 150 2.91 -4.33 21.34
N LEU A 151 3.69 -3.49 22.00
CA LEU A 151 3.98 -3.67 23.43
C LEU A 151 2.74 -3.52 24.30
N ASP A 152 1.79 -2.69 23.87
CA ASP A 152 0.58 -2.43 24.63
C ASP A 152 -0.52 -3.47 24.38
N ILE A 153 -0.32 -4.34 23.39
CA ILE A 153 -1.27 -5.41 23.09
C ILE A 153 -1.01 -6.60 24.01
N ARG A 154 -1.84 -6.73 25.04
CA ARG A 154 -1.77 -7.85 25.99
C ARG A 154 -3.16 -8.41 26.24
N GLN A 155 -3.23 -9.70 26.51
CA GLN A 155 -4.51 -10.40 26.69
C GLN A 155 -5.14 -10.06 28.03
N GLY A 156 -6.40 -9.62 28.01
CA GLY A 156 -7.15 -9.34 29.24
C GLY A 156 -7.52 -10.63 29.96
N PRO A 157 -7.74 -10.55 31.28
CA PRO A 157 -8.00 -11.74 32.11
C PRO A 157 -9.16 -12.62 31.64
N LYS A 158 -10.18 -12.01 31.06
CA LYS A 158 -11.36 -12.72 30.55
C LYS A 158 -11.48 -12.68 29.02
N GLU A 159 -10.43 -12.20 28.34
CA GLU A 159 -10.45 -12.07 26.89
C GLU A 159 -10.13 -13.43 26.25
N PRO A 160 -11.02 -13.90 25.35
CA PRO A 160 -10.69 -15.10 24.57
C PRO A 160 -9.36 -14.97 23.83
N PHE A 161 -8.57 -16.04 23.85
CA PHE A 161 -7.23 -16.00 23.24
C PHE A 161 -7.29 -15.60 21.78
N ARG A 162 -8.32 -16.05 21.07
CA ARG A 162 -8.51 -15.71 19.65
C ARG A 162 -8.59 -14.21 19.44
N ASP A 163 -9.37 -13.52 20.28
CA ASP A 163 -9.58 -12.08 20.18
C ASP A 163 -8.28 -11.33 20.41
N TYR A 164 -7.49 -11.80 21.38
CA TYR A 164 -6.18 -11.22 21.65
C TYR A 164 -5.19 -11.37 20.48
N VAL A 165 -5.20 -12.54 19.83
CA VAL A 165 -4.28 -12.77 18.70
C VAL A 165 -4.69 -11.93 17.49
N ASP A 166 -6.01 -11.85 17.24
CA ASP A 166 -6.55 -10.93 16.23
C ASP A 166 -6.01 -9.51 16.41
N ARG A 167 -6.01 -9.01 17.66
CA ARG A 167 -5.48 -7.69 17.96
C ARG A 167 -3.95 -7.62 17.80
N PHE A 168 -3.28 -8.70 18.22
CA PHE A 168 -1.82 -8.77 18.17
C PHE A 168 -1.30 -8.64 16.74
N TYR A 169 -1.83 -9.45 15.82
CA TYR A 169 -1.36 -9.42 14.44
C TYR A 169 -1.94 -8.26 13.62
N LYS A 170 -3.06 -7.70 14.08
CA LYS A 170 -3.62 -6.47 13.49
C LYS A 170 -2.66 -5.31 13.74
N THR A 171 -2.30 -5.12 15.00
CA THR A 171 -1.35 -4.09 15.38
C THR A 171 -0.02 -4.30 14.67
N LEU A 172 0.43 -5.55 14.62
CA LEU A 172 1.71 -5.89 14.03
C LEU A 172 1.77 -5.60 12.53
N ARG A 173 0.65 -5.80 11.85
CA ARG A 173 0.53 -5.50 10.41
C ARG A 173 0.68 -4.00 10.12
N ALA A 174 0.07 -3.17 10.96
CA ALA A 174 0.20 -1.73 10.82
C ALA A 174 1.62 -1.26 11.14
N GLU A 175 2.18 -1.78 12.23
CA GLU A 175 3.51 -1.38 12.74
C GLU A 175 4.65 -1.91 11.89
N THR A 188 8.17 -15.12 20.39
CA THR A 188 7.43 -15.54 21.57
C THR A 188 6.95 -14.35 22.43
N LEU A 189 6.82 -13.17 21.80
CA LEU A 189 6.18 -12.03 22.46
C LEU A 189 4.68 -12.30 22.67
N LEU A 190 4.09 -13.09 21.77
CA LEU A 190 2.69 -13.48 21.88
C LEU A 190 2.43 -14.20 23.20
N VAL A 191 3.38 -15.03 23.63
CA VAL A 191 3.24 -15.78 24.87
C VAL A 191 3.40 -14.85 26.06
N GLN A 192 4.45 -14.03 26.03
CA GLN A 192 4.72 -13.06 27.10
C GLN A 192 3.50 -12.19 27.42
N ASN A 193 2.84 -11.70 26.38
CA ASN A 193 1.70 -10.80 26.52
C ASN A 193 0.35 -11.50 26.75
N ALA A 194 0.33 -12.83 26.69
CA ALA A 194 -0.85 -13.61 27.06
C ALA A 194 -1.10 -13.51 28.56
N ASN A 195 -2.33 -13.77 28.99
CA ASN A 195 -2.70 -13.67 30.41
C ASN A 195 -2.15 -14.90 31.17
N PRO A 196 -2.11 -14.83 32.51
CA PRO A 196 -1.47 -15.89 33.29
C PRO A 196 -1.94 -17.31 32.95
N ASP A 197 -3.26 -17.49 32.85
CA ASP A 197 -3.85 -18.81 32.65
C ASP A 197 -3.38 -19.44 31.34
N CYS A 198 -3.58 -18.71 30.25
CA CYS A 198 -3.20 -19.21 28.93
CA CYS A 198 -3.19 -19.14 28.91
C CYS A 198 -1.66 -19.27 28.78
N LYS A 199 -0.94 -18.38 29.44
CA LYS A 199 0.52 -18.40 29.40
C LYS A 199 1.10 -19.71 29.95
N THR A 200 0.52 -20.24 31.03
CA THR A 200 0.96 -21.50 31.63
C THR A 200 0.71 -22.68 30.68
N ILE A 201 -0.43 -22.64 30.00
CA ILE A 201 -0.77 -23.68 29.03
C ILE A 201 0.21 -23.64 27.84
N LEU A 202 0.61 -22.44 27.43
CA LEU A 202 1.50 -22.27 26.28
C LEU A 202 2.94 -22.69 26.57
N LYS A 203 3.43 -22.39 27.77
CA LYS A 203 4.75 -22.86 28.20
C LYS A 203 4.80 -24.39 28.29
N ALA A 204 3.67 -24.99 28.68
CA ALA A 204 3.55 -26.45 28.74
C ALA A 204 3.65 -27.13 27.37
N LEU A 205 3.29 -26.41 26.30
CA LEU A 205 3.41 -26.93 24.94
C LEU A 205 4.87 -27.04 24.49
N GLY A 206 5.73 -26.21 25.07
CA GLY A 206 7.15 -26.21 24.73
C GLY A 206 7.43 -25.38 23.50
N PRO A 207 8.68 -25.45 22.98
CA PRO A 207 9.04 -24.69 21.79
C PRO A 207 8.53 -25.35 20.51
N GLY A 208 8.50 -24.59 19.42
CA GLY A 208 8.10 -25.12 18.11
C GLY A 208 6.62 -25.48 17.98
N ALA A 209 5.78 -24.87 18.81
CA ALA A 209 4.33 -25.04 18.71
C ALA A 209 3.78 -24.03 17.70
N THR A 210 2.94 -24.50 16.79
CA THR A 210 2.34 -23.63 15.79
C THR A 210 1.23 -22.79 16.42
N LEU A 211 0.88 -21.69 15.76
CA LEU A 211 -0.20 -20.82 16.22
C LEU A 211 -1.51 -21.58 16.36
N GLU A 212 -1.79 -22.46 15.40
CA GLU A 212 -2.94 -23.37 15.47
C GLU A 212 -3.00 -24.13 16.79
N GLU A 213 -1.89 -24.75 17.16
CA GLU A 213 -1.82 -25.56 18.38
C GLU A 213 -1.96 -24.70 19.63
N MET A 214 -1.28 -23.55 19.62
CA MET A 214 -1.43 -22.55 20.68
C MET A 214 -2.88 -22.10 20.86
N MET A 215 -3.54 -21.78 19.74
CA MET A 215 -4.92 -21.28 19.78
C MET A 215 -5.91 -22.36 20.25
N THR A 216 -5.68 -23.60 19.85
CA THR A 216 -6.46 -24.73 20.35
C THR A 216 -6.22 -24.98 21.85
N ALA A 217 -4.95 -24.93 22.26
CA ALA A 217 -4.58 -25.15 23.65
C ALA A 217 -5.20 -24.14 24.62
N CYS A 218 -5.41 -22.90 24.16
CA CYS A 218 -6.04 -21.85 24.97
C CYS A 218 -7.48 -21.58 24.52
N GLN A 219 -8.20 -22.61 24.10
CA GLN A 219 -9.57 -22.45 23.59
C GLN A 219 -10.58 -22.56 24.73
#